data_6J2M
#
_entry.id   6J2M
#
_cell.length_a   43.040
_cell.length_b   48.190
_cell.length_c   59.500
_cell.angle_alpha   90.00
_cell.angle_beta   90.00
_cell.angle_gamma   90.00
#
_symmetry.space_group_name_H-M   'P 21 21 21'
#
loop_
_entity.id
_entity.type
_entity.pdbx_description
1 polymer 'Peptidyl-prolyl cis-trans isomerase FKBP53'
2 non-polymer 8-DEETHYL-8-[BUT-3-ENYL]-ASCOMYCIN
3 non-polymer 'CHLORIDE ION'
4 water water
#
_entity_poly.entity_id   1
_entity_poly.type   'polypeptide(L)'
_entity_poly.pdbx_seq_one_letter_code
;GPLGSKSSQVRTYPNGLIVEELSMGKPNGKRADPGKTVSVRYIGKLQKNGKIFDSNIGKSPFKFRLGIGSVIKGWDVGVN
GMRVGDKRKLTIPPSMGYGVKGAGGQIPPNSWLTFDVELINVQ
;
_entity_poly.pdbx_strand_id   A
#
loop_
_chem_comp.id
_chem_comp.type
_chem_comp.name
_chem_comp.formula
CL non-polymer 'CHLORIDE ION' 'Cl -1'
FK5 non-polymer 8-DEETHYL-8-[BUT-3-ENYL]-ASCOMYCIN 'C44 H69 N O12'
#
# COMPACT_ATOMS: atom_id res chain seq x y z
N TYR A 13 -2.23 -0.07 19.64
CA TYR A 13 -2.40 0.22 18.23
C TYR A 13 -2.18 1.68 17.97
N PRO A 14 -1.59 2.00 16.82
CA PRO A 14 -1.34 3.40 16.51
C PRO A 14 -2.61 4.17 16.31
N ASN A 15 -2.56 5.48 16.56
CA ASN A 15 -3.68 6.36 16.29
C ASN A 15 -4.02 6.39 14.80
N GLY A 16 -2.98 6.36 13.97
CA GLY A 16 -3.17 6.36 12.54
C GLY A 16 -2.25 5.31 11.79
N LEU A 17 -1.97 5.62 10.53
CA LEU A 17 -1.18 4.77 9.69
C LEU A 17 0.28 4.67 10.22
N ILE A 18 0.94 3.49 10.14
CA ILE A 18 2.40 3.40 10.34
C ILE A 18 3.00 3.04 8.99
N VAL A 19 4.07 3.73 8.63
CA VAL A 19 4.83 3.46 7.44
C VAL A 19 6.27 3.18 7.84
N GLU A 20 6.79 2.02 7.44
CA GLU A 20 8.16 1.64 7.76
C GLU A 20 8.95 1.51 6.44
N GLU A 21 10.17 2.03 6.47
CA GLU A 21 11.11 1.78 5.39
C GLU A 21 11.79 0.43 5.58
N LEU A 22 11.56 -0.50 4.67
CA LEU A 22 12.15 -1.82 4.74
C LEU A 22 13.52 -1.83 4.06
N SER A 23 13.61 -1.14 2.92
CA SER A 23 14.88 -0.98 2.20
C SER A 23 14.79 0.18 1.20
N MET A 24 15.91 0.84 0.93
CA MET A 24 15.89 1.97 0.02
C MET A 24 16.35 1.60 -1.36
N GLY A 25 15.64 2.11 -2.33
CA GLY A 25 15.96 1.86 -3.69
C GLY A 25 16.94 2.85 -4.16
N LYS A 26 16.69 3.36 -5.36
CA LYS A 26 17.61 4.30 -6.00
C LYS A 26 17.48 5.67 -5.37
N PRO A 27 18.60 6.26 -4.96
CA PRO A 27 18.54 7.56 -4.28
C PRO A 27 17.91 8.72 -5.10
N ASN A 28 18.13 8.65 -6.38
CA ASN A 28 17.56 9.53 -7.35
C ASN A 28 16.48 8.83 -8.21
N GLY A 29 15.92 7.74 -7.71
CA GLY A 29 14.81 7.11 -8.40
C GLY A 29 13.63 8.06 -8.54
N LYS A 30 12.83 7.87 -9.55
CA LYS A 30 11.64 8.69 -9.71
C LYS A 30 10.81 8.64 -8.41
N ARG A 31 10.22 9.75 -8.04
CA ARG A 31 9.45 9.84 -6.79
C ARG A 31 7.94 9.81 -7.08
N ALA A 32 7.25 9.05 -6.23
CA ALA A 32 5.80 8.94 -6.29
C ALA A 32 5.18 10.20 -5.69
N ASP A 33 4.63 11.04 -6.55
CA ASP A 33 3.98 12.29 -6.14
C ASP A 33 2.52 12.22 -6.51
N PRO A 34 1.64 12.93 -5.75
CA PRO A 34 0.23 13.00 -6.12
C PRO A 34 0.05 13.42 -7.56
N GLY A 35 -0.84 12.73 -8.25
CA GLY A 35 -1.14 12.96 -9.65
C GLY A 35 -0.42 12.05 -10.59
N LYS A 36 0.67 11.44 -10.18
CA LYS A 36 1.38 10.47 -11.01
C LYS A 36 0.68 9.13 -11.03
N THR A 37 0.83 8.41 -12.13
CA THR A 37 0.48 6.99 -12.16
C THR A 37 1.68 6.20 -11.67
N VAL A 38 1.48 5.49 -10.59
CA VAL A 38 2.57 4.74 -9.96
C VAL A 38 2.31 3.24 -10.08
N SER A 39 3.39 2.47 -10.22
CA SER A 39 3.30 1.03 -10.41
C SER A 39 3.95 0.35 -9.20
N VAL A 40 3.19 -0.51 -8.54
CA VAL A 40 3.60 -1.05 -7.21
C VAL A 40 3.45 -2.60 -7.23
N ARG A 41 4.46 -3.25 -6.68
CA ARG A 41 4.40 -4.68 -6.35
C ARG A 41 4.00 -4.75 -4.87
N TYR A 42 3.09 -5.64 -4.52
CA TYR A 42 2.62 -5.69 -3.14
C TYR A 42 2.23 -7.10 -2.68
N ILE A 43 2.16 -7.22 -1.36
CA ILE A 43 1.53 -8.34 -0.66
C ILE A 43 0.60 -7.73 0.40
N GLY A 44 -0.65 -8.16 0.44
CA GLY A 44 -1.63 -7.69 1.42
C GLY A 44 -1.97 -8.80 2.40
N LYS A 45 -2.06 -8.39 3.68
CA LYS A 45 -2.27 -9.34 4.77
C LYS A 45 -3.22 -8.73 5.80
N LEU A 46 -3.94 -9.61 6.48
CA LEU A 46 -4.69 -9.21 7.67
C LEU A 46 -3.74 -9.03 8.81
N GLN A 47 -3.74 -7.85 9.46
CA GLN A 47 -2.83 -7.62 10.55
C GLN A 47 -3.11 -8.52 11.74
N LYS A 48 -4.36 -8.89 11.99
CA LYS A 48 -4.71 -9.56 13.23
C LYS A 48 -4.09 -10.93 13.31
N ASN A 49 -3.90 -11.60 12.17
CA ASN A 49 -3.43 -13.00 12.15
C ASN A 49 -2.37 -13.26 11.14
N GLY A 50 -2.00 -12.27 10.34
CA GLY A 50 -0.98 -12.42 9.31
C GLY A 50 -1.39 -13.19 8.07
N LYS A 51 -2.66 -13.52 7.92
CA LYS A 51 -3.09 -14.24 6.73
C LYS A 51 -2.93 -13.36 5.49
N ILE A 52 -2.38 -13.93 4.44
CA ILE A 52 -2.16 -13.21 3.20
C ILE A 52 -3.40 -13.36 2.31
N PHE A 53 -3.93 -12.24 1.81
CA PHE A 53 -5.10 -12.26 0.93
C PHE A 53 -4.77 -11.95 -0.51
N ASP A 54 -3.63 -11.34 -0.84
CA ASP A 54 -3.34 -11.02 -2.25
C ASP A 54 -1.88 -10.70 -2.40
N SER A 55 -1.38 -10.89 -3.61
CA SER A 55 -0.10 -10.38 -4.07
C SER A 55 -0.16 -10.29 -5.57
N ASN A 56 0.59 -9.34 -6.13
CA ASN A 56 0.80 -9.31 -7.57
C ASN A 56 2.23 -9.67 -7.94
N ILE A 57 3.03 -10.22 -7.03
CA ILE A 57 4.38 -10.66 -7.42
C ILE A 57 4.26 -11.76 -8.46
N GLY A 58 5.02 -11.62 -9.53
CA GLY A 58 4.95 -12.58 -10.64
C GLY A 58 3.72 -12.48 -11.53
N LYS A 59 2.97 -11.42 -11.34
CA LYS A 59 1.75 -11.16 -12.08
C LYS A 59 1.89 -9.74 -12.65
N SER A 60 0.84 -9.20 -13.02
CA SER A 60 0.96 -7.91 -13.69
C SER A 60 1.20 -6.76 -12.68
N PRO A 61 1.91 -5.71 -13.07
CA PRO A 61 2.15 -4.58 -12.15
C PRO A 61 0.85 -3.84 -11.81
N PHE A 62 0.68 -3.42 -10.56
CA PHE A 62 -0.54 -2.72 -10.19
C PHE A 62 -0.27 -1.25 -10.31
N LYS A 63 -1.07 -0.57 -11.14
CA LYS A 63 -0.92 0.88 -11.37
C LYS A 63 -2.13 1.62 -10.83
N PHE A 64 -1.85 2.74 -10.17
CA PHE A 64 -2.92 3.62 -9.72
C PHE A 64 -2.44 5.04 -9.77
N ARG A 65 -3.39 5.98 -9.84
CA ARG A 65 -3.06 7.40 -9.80
C ARG A 65 -3.01 7.86 -8.35
N LEU A 66 -1.82 8.24 -7.90
CA LEU A 66 -1.62 8.56 -6.50
C LEU A 66 -2.40 9.79 -6.13
N GLY A 67 -3.13 9.71 -5.01
CA GLY A 67 -3.79 10.87 -4.46
C GLY A 67 -5.18 11.13 -4.89
N ILE A 68 -5.76 10.31 -5.74
CA ILE A 68 -7.12 10.58 -6.18
C ILE A 68 -8.16 9.83 -5.41
N GLY A 69 -7.77 9.01 -4.45
CA GLY A 69 -8.72 8.26 -3.65
C GLY A 69 -9.32 7.06 -4.38
N SER A 70 -8.63 6.51 -5.36
CA SER A 70 -9.12 5.26 -5.94
C SER A 70 -8.73 4.02 -5.13
N VAL A 71 -7.62 4.11 -4.43
CA VAL A 71 -7.17 3.10 -3.49
C VAL A 71 -7.60 3.49 -2.08
N ILE A 72 -7.51 2.56 -1.16
CA ILE A 72 -7.69 2.85 0.25
C ILE A 72 -6.75 3.95 0.71
N LYS A 73 -7.19 4.72 1.69
CA LYS A 73 -6.43 5.88 2.13
CA LYS A 73 -6.44 5.89 2.14
C LYS A 73 -5.06 5.53 2.62
N GLY A 74 -4.90 4.37 3.25
CA GLY A 74 -3.58 3.98 3.71
C GLY A 74 -2.56 3.85 2.60
N TRP A 75 -3.02 3.47 1.40
CA TRP A 75 -2.11 3.46 0.24
C TRP A 75 -1.85 4.88 -0.30
N ASP A 76 -2.85 5.71 -0.43
CA ASP A 76 -2.59 7.08 -0.94
C ASP A 76 -1.60 7.79 -0.02
N VAL A 77 -1.74 7.62 1.29
CA VAL A 77 -0.82 8.24 2.24
C VAL A 77 0.50 7.47 2.25
N GLY A 78 0.43 6.16 2.29
CA GLY A 78 1.59 5.30 2.52
C GLY A 78 2.57 5.21 1.40
N VAL A 79 2.09 5.25 0.15
CA VAL A 79 2.95 5.17 -1.02
C VAL A 79 3.61 6.50 -1.36
N ASN A 80 2.94 7.60 -0.96
CA ASN A 80 3.44 8.93 -1.29
C ASN A 80 4.90 9.07 -0.82
N GLY A 81 5.73 9.63 -1.67
CA GLY A 81 7.10 9.90 -1.32
C GLY A 81 8.09 8.79 -1.61
N MET A 82 7.60 7.61 -1.96
CA MET A 82 8.51 6.52 -2.34
C MET A 82 9.31 6.92 -3.56
N ARG A 83 10.53 6.39 -3.66
CA ARG A 83 11.32 6.43 -4.88
C ARG A 83 11.43 5.04 -5.45
N VAL A 84 11.64 4.95 -6.77
CA VAL A 84 11.70 3.63 -7.40
C VAL A 84 12.72 2.76 -6.70
N GLY A 85 12.28 1.53 -6.42
CA GLY A 85 13.07 0.54 -5.75
C GLY A 85 12.86 0.51 -4.25
N ASP A 86 12.29 1.56 -3.67
CA ASP A 86 12.03 1.53 -2.24
C ASP A 86 11.02 0.42 -1.91
N LYS A 87 11.17 -0.14 -0.70
CA LYS A 87 10.24 -1.11 -0.14
C LYS A 87 9.75 -0.58 1.19
N ARG A 88 8.45 -0.60 1.39
CA ARG A 88 7.83 -0.13 2.64
C ARG A 88 6.84 -1.16 3.17
N LYS A 89 6.62 -1.11 4.47
CA LYS A 89 5.53 -1.80 5.16
C LYS A 89 4.52 -0.76 5.62
N LEU A 90 3.26 -1.00 5.29
CA LEU A 90 2.14 -0.16 5.70
C LEU A 90 1.31 -0.92 6.74
N THR A 91 1.03 -0.27 7.86
CA THR A 91 0.12 -0.82 8.86
C THR A 91 -1.08 0.13 8.92
N ILE A 92 -2.26 -0.37 8.55
CA ILE A 92 -3.38 0.50 8.15
C ILE A 92 -4.57 0.24 9.09
N PRO A 93 -5.02 1.26 9.83
CA PRO A 93 -6.23 1.10 10.64
C PRO A 93 -7.43 0.90 9.76
N PRO A 94 -8.50 0.31 10.29
CA PRO A 94 -9.70 0.10 9.48
C PRO A 94 -10.23 1.33 8.76
N SER A 95 -10.18 2.50 9.40
CA SER A 95 -10.70 3.71 8.78
C SER A 95 -9.91 4.13 7.56
N MET A 96 -8.69 3.66 7.42
CA MET A 96 -7.87 3.96 6.25
C MET A 96 -7.78 2.76 5.32
N GLY A 97 -8.58 1.74 5.59
CA GLY A 97 -8.75 0.57 4.73
C GLY A 97 -10.19 0.54 4.27
N TYR A 98 -10.84 -0.57 4.55
CA TYR A 98 -12.22 -0.80 4.07
C TYR A 98 -13.27 -0.56 5.14
N GLY A 99 -12.85 -0.14 6.34
CA GLY A 99 -13.83 0.23 7.35
C GLY A 99 -14.75 -0.93 7.71
N VAL A 100 -16.05 -0.62 7.88
CA VAL A 100 -17.00 -1.67 8.27
C VAL A 100 -17.31 -2.60 7.10
N LYS A 101 -16.92 -2.25 5.88
CA LYS A 101 -17.32 -3.08 4.72
C LYS A 101 -16.53 -4.24 4.46
N GLY A 102 -15.28 -4.15 4.77
CA GLY A 102 -14.39 -5.17 4.19
C GLY A 102 -14.39 -5.23 2.65
N ALA A 103 -13.91 -6.33 2.08
CA ALA A 103 -13.56 -6.43 0.64
C ALA A 103 -13.27 -7.81 0.06
N GLY A 104 -13.53 -7.98 -1.24
CA GLY A 104 -13.09 -9.17 -1.96
C GLY A 104 -13.58 -10.51 -1.42
N GLY A 105 -14.44 -10.50 -0.38
CA GLY A 105 -14.79 -11.72 0.39
C GLY A 105 -13.58 -12.28 1.15
N GLN A 106 -12.57 -11.44 1.19
CA GLN A 106 -11.30 -11.77 1.73
C GLN A 106 -10.87 -11.01 2.98
N ILE A 107 -11.41 -9.82 3.12
CA ILE A 107 -11.04 -8.95 4.21
C ILE A 107 -12.37 -8.81 4.98
N PRO A 108 -12.41 -9.32 6.21
CA PRO A 108 -13.57 -9.14 7.07
C PRO A 108 -13.80 -7.66 7.35
N PRO A 109 -15.00 -7.35 7.81
CA PRO A 109 -15.26 -6.02 8.36
C PRO A 109 -14.22 -5.64 9.42
N ASN A 110 -13.94 -4.33 9.48
CA ASN A 110 -13.16 -3.74 10.57
C ASN A 110 -11.77 -4.34 10.66
N SER A 111 -11.12 -4.53 9.52
CA SER A 111 -9.82 -5.16 9.52
C SER A 111 -8.66 -4.15 9.50
N TRP A 112 -7.76 -4.29 10.45
CA TRP A 112 -6.40 -3.71 10.32
C TRP A 112 -5.69 -4.48 9.23
N LEU A 113 -4.97 -3.77 8.35
CA LEU A 113 -4.30 -4.38 7.21
C LEU A 113 -2.80 -4.11 7.30
N THR A 114 -2.03 -5.03 6.76
CA THR A 114 -0.61 -4.81 6.50
C THR A 114 -0.36 -4.99 5.02
N PHE A 115 0.44 -4.13 4.43
CA PHE A 115 0.92 -4.36 3.07
C PHE A 115 2.43 -4.16 3.04
N ASP A 116 3.10 -5.07 2.35
CA ASP A 116 4.46 -4.83 1.87
C ASP A 116 4.35 -4.26 0.48
N VAL A 117 5.03 -3.16 0.18
CA VAL A 117 4.92 -2.50 -1.11
C VAL A 117 6.30 -2.16 -1.63
N GLU A 118 6.48 -2.26 -2.95
CA GLU A 118 7.72 -1.89 -3.64
C GLU A 118 7.32 -1.04 -4.82
N LEU A 119 7.93 0.16 -4.95
CA LEU A 119 7.65 1.03 -6.08
C LEU A 119 8.47 0.61 -7.28
N ILE A 120 7.80 0.31 -8.37
CA ILE A 120 8.42 -0.17 -9.60
C ILE A 120 8.59 0.91 -10.66
N ASN A 121 7.64 1.85 -10.75
CA ASN A 121 7.71 2.89 -11.79
C ASN A 121 6.84 4.03 -11.39
N VAL A 122 7.09 5.18 -12.01
CA VAL A 122 6.31 6.41 -11.88
C VAL A 122 6.17 6.98 -13.28
N GLN A 123 4.96 7.34 -13.69
CA GLN A 123 4.63 7.90 -14.99
C GLN A 123 3.74 9.16 -14.86
C1 FK5 B . -7.08 -1.18 -2.95
C2 FK5 B . -6.02 -2.07 -2.31
C3 FK5 B . -4.65 -1.39 -2.41
C4 FK5 B . -4.11 -1.49 -3.81
C5 FK5 B . -3.97 -2.93 -4.22
C6 FK5 B . -5.33 -3.63 -4.14
C8 FK5 B . -6.33 -4.47 -2.02
C9 FK5 B . -6.13 -5.88 -2.44
C10 FK5 B . -7.32 -6.61 -3.10
C11 FK5 B . -8.62 -6.51 -2.34
C12 FK5 B . -9.75 -6.92 -3.24
C13 FK5 B . -9.77 -6.17 -4.54
C14 FK5 B . -8.45 -6.30 -5.25
C15 FK5 B . -8.20 -5.35 -6.43
C16 FK5 B . -9.32 -5.12 -7.44
C17 FK5 B . -9.44 -6.10 -8.61
C18 FK5 B . -10.67 -5.71 -9.42
C19 FK5 B . -10.76 -4.27 -9.84
C20 FK5 B . -11.74 -3.52 -9.37
C21 FK5 B . -11.97 -2.06 -9.58
C22 FK5 B . -11.57 -1.37 -8.30
C23 FK5 B . -10.22 -0.83 -8.18
C24 FK5 B . -9.82 -0.32 -6.81
C25 FK5 B . -8.85 -1.26 -6.07
C26 FK5 B . -8.78 -0.86 -4.59
C27 FK5 B . -10.10 -0.93 -3.89
C28 FK5 B . -10.62 0.21 -3.43
C29 FK5 B . -12.01 0.46 -2.90
C30 FK5 B . -11.93 1.39 -1.67
C31 FK5 B . -13.31 1.73 -1.15
C32 FK5 B . -14.17 2.36 -2.23
C33 FK5 B . -14.26 1.43 -3.42
C34 FK5 B . -12.88 1.07 -3.97
C35 FK5 B . -8.62 -7.30 -1.04
C36 FK5 B . -9.57 -7.55 -8.20
C37 FK5 B . -9.68 -3.78 -10.76
C38 FK5 B . -13.43 -1.78 -9.94
C39 FK5 B . -13.66 -0.29 -10.37
C40 FK5 B . -14.39 0.49 -9.74
C41 FK5 B . -7.47 -1.26 -6.73
C42 FK5 B . -10.76 -2.27 -3.85
C43 FK5 B . -12.08 -6.09 -5.10
C44 FK5 B . -6.23 -4.82 -7.72
C45 FK5 B . -12.71 2.23 1.13
N7 FK5 B . -5.94 -3.45 -2.81
O1 FK5 B . -7.78 -1.73 -3.94
O2 FK5 B . -7.22 -0.05 -2.60
O3 FK5 B . -6.80 -4.32 -0.90
O4 FK5 B . -5.06 -6.43 -2.24
O5 FK5 B . -7.39 -5.92 -4.34
O6 FK5 B . -6.98 -7.96 -3.31
O7 FK5 B . -10.80 -6.68 -5.39
O8 FK5 B . -6.99 -5.83 -7.04
O9 FK5 B . -12.31 -1.36 -7.35
O10 FK5 B . -9.22 0.98 -6.98
O11 FK5 B . -13.24 2.70 -0.08
O12 FK5 B . -15.45 2.67 -1.70
CL CL C . 13.79 5.54 -11.63
CL CL D . -8.24 -6.34 13.07
CL CL E . -13.82 2.48 10.13
CL CL F . -9.52 3.11 12.36
CL CL G . 6.33 -10.65 2.88
CL CL H . -3.86 13.48 -6.88
CL CL I . 11.15 3.29 9.12
CL CL J . 7.57 -9.78 -9.87
CL CL K . -9.58 -14.23 9.34
CL CL L . -14.44 -2.92 -2.98
CL CL M . 18.33 0.23 2.48
CL CL N . 12.71 14.24 -2.10
CL CL O . 16.53 -0.27 -6.50
CL CL P . -8.88 13.83 -6.80
#